data_1OXA
#
_entry.id   1OXA
#
_cell.length_a   54.160
_cell.length_b   79.670
_cell.length_c   99.480
_cell.angle_alpha   90.00
_cell.angle_beta   90.00
_cell.angle_gamma   90.00
#
_symmetry.space_group_name_H-M   'P 21 21 21'
#
loop_
_entity.id
_entity.type
_entity.pdbx_description
1 polymer 'CYTOCHROME P450 ERYF'
2 non-polymer 'PROTOPORPHYRIN IX CONTAINING FE'
3 non-polymer '6-DEOXYERYTHRONOLIDE B'
4 water water
#
_entity_poly.entity_id   1
_entity_poly.type   'polypeptide(L)'
_entity_poly.pdbx_seq_one_letter_code
;ATVPDLESDSFHVDWYSTYAELRETAPVTPVRFLGQDAWLVTGYDEAKAALSDLRLSSDPKKKYPGVEVEFPAYLGFPED
VRNYFATNMGTSDPPTHTRLRKLVSQEFTVRRVEAMRPRVEQITAELLDEVGDSGVVDIVDRFAHPLPIKVICELLGVDE
AARGAFGRWSSEILVMDPERAEQRGQAAREVVNFILDLVERRRTEPGDDLLSALISVQDDDDGRLSADELTSIALVLLLA
GFEASVSLIGIGTYLLLTHPDQLALVRADPSALPNAVEEILRYIAPPETTTRFAAEEVEIGGVAIPQYSTVLVANGAANR
DPSQFPDPHRFDVTRDTRGHLSFGQGIHFCMGRPLAKLEGEVALRALFGRFPALSLGIDADDVVWRRSLLLRGIDHLPVR
LDG
;
_entity_poly.pdbx_strand_id   A
#
loop_
_chem_comp.id
_chem_comp.type
_chem_comp.name
_chem_comp.formula
DEB non-polymer '6-DEOXYERYTHRONOLIDE B' 'C21 H38 O6'
HEM non-polymer 'PROTOPORPHYRIN IX CONTAINING FE' 'C34 H32 Fe N4 O4'
#
# COMPACT_ATOMS: atom_id res chain seq x y z
N ALA A 1 -18.78 -8.36 -27.32
CA ALA A 1 -17.29 -8.48 -27.37
C ALA A 1 -16.85 -9.40 -26.23
N THR A 2 -15.56 -9.36 -25.88
CA THR A 2 -15.02 -10.21 -24.81
C THR A 2 -14.41 -9.34 -23.71
N VAL A 3 -15.08 -9.27 -22.55
CA VAL A 3 -14.56 -8.47 -21.43
C VAL A 3 -13.70 -9.30 -20.48
N PRO A 4 -12.56 -8.74 -20.04
CA PRO A 4 -11.64 -9.41 -19.12
C PRO A 4 -12.21 -9.42 -17.70
N ASP A 5 -11.93 -10.48 -16.96
CA ASP A 5 -12.38 -10.60 -15.57
C ASP A 5 -11.11 -10.56 -14.73
N LEU A 6 -10.95 -9.52 -13.92
CA LEU A 6 -9.74 -9.38 -13.11
C LEU A 6 -9.49 -10.51 -12.12
N GLU A 7 -10.44 -11.43 -12.01
CA GLU A 7 -10.30 -12.56 -11.11
C GLU A 7 -9.56 -13.72 -11.76
N SER A 8 -9.42 -13.69 -13.09
CA SER A 8 -8.74 -14.74 -13.83
C SER A 8 -7.24 -14.78 -13.52
N ASP A 9 -6.62 -15.92 -13.78
CA ASP A 9 -5.20 -16.09 -13.53
C ASP A 9 -4.30 -15.19 -14.37
N SER A 10 -4.86 -14.63 -15.44
CA SER A 10 -4.08 -13.75 -16.31
C SER A 10 -3.67 -12.48 -15.56
N PHE A 11 -4.40 -12.15 -14.51
CA PHE A 11 -4.08 -10.98 -13.70
C PHE A 11 -3.29 -11.36 -12.46
N HIS A 12 -2.81 -12.60 -12.42
CA HIS A 12 -2.04 -13.07 -11.27
C HIS A 12 -0.89 -13.97 -11.63
N VAL A 13 -0.71 -14.20 -12.92
CA VAL A 13 0.38 -15.03 -13.43
C VAL A 13 1.00 -14.26 -14.59
N ASP A 14 2.14 -13.63 -14.35
CA ASP A 14 2.83 -12.84 -15.37
C ASP A 14 1.89 -11.70 -15.79
N TRP A 15 1.22 -11.12 -14.81
CA TRP A 15 0.25 -10.06 -15.05
C TRP A 15 0.73 -8.81 -15.77
N TYR A 16 2.00 -8.45 -15.65
CA TYR A 16 2.49 -7.28 -16.34
C TYR A 16 2.52 -7.47 -17.85
N SER A 17 2.39 -8.72 -18.28
CA SER A 17 2.36 -9.06 -19.70
C SER A 17 0.92 -8.82 -20.16
N THR A 18 -0.03 -9.16 -19.29
CA THR A 18 -1.46 -9.00 -19.56
C THR A 18 -1.82 -7.51 -19.59
N TYR A 19 -1.25 -6.73 -18.69
CA TYR A 19 -1.49 -5.28 -18.66
C TYR A 19 -0.95 -4.64 -19.93
N ALA A 20 0.19 -5.16 -20.39
CA ALA A 20 0.82 -4.67 -21.61
C ALA A 20 -0.12 -4.86 -22.79
N GLU A 21 -0.58 -6.10 -22.95
CA GLU A 21 -1.50 -6.43 -24.05
C GLU A 21 -2.75 -5.58 -24.01
N LEU A 22 -3.31 -5.38 -22.82
CA LEU A 22 -4.51 -4.55 -22.68
C LEU A 22 -4.25 -3.10 -23.03
N ARG A 23 -3.13 -2.57 -22.55
CA ARG A 23 -2.75 -1.18 -22.78
C ARG A 23 -2.66 -0.80 -24.25
N GLU A 24 -1.97 -1.62 -25.05
CA GLU A 24 -1.82 -1.34 -26.47
C GLU A 24 -3.13 -1.40 -27.23
N THR A 25 -4.04 -2.25 -26.75
CA THR A 25 -5.36 -2.40 -27.36
C THR A 25 -6.20 -1.17 -26.99
N ALA A 26 -6.34 -0.93 -25.69
CA ALA A 26 -7.10 0.20 -25.17
C ALA A 26 -6.60 0.54 -23.76
N PRO A 27 -6.08 1.77 -23.57
CA PRO A 27 -5.57 2.23 -22.27
C PRO A 27 -6.65 2.34 -21.18
N VAL A 28 -7.91 2.45 -21.62
CA VAL A 28 -9.06 2.53 -20.73
C VAL A 28 -9.98 1.47 -21.30
N THR A 29 -10.15 0.37 -20.57
CA THR A 29 -10.97 -0.74 -21.05
C THR A 29 -11.94 -1.23 -20.02
N PRO A 30 -13.15 -1.59 -20.44
CA PRO A 30 -14.14 -2.10 -19.47
C PRO A 30 -13.74 -3.51 -19.03
N VAL A 31 -14.04 -3.86 -17.79
CA VAL A 31 -13.69 -5.16 -17.25
C VAL A 31 -14.77 -5.61 -16.27
N ARG A 32 -14.62 -6.84 -15.80
CA ARG A 32 -15.53 -7.41 -14.82
C ARG A 32 -14.66 -7.73 -13.61
N PHE A 33 -15.16 -7.44 -12.42
CA PHE A 33 -14.42 -7.74 -11.20
C PHE A 33 -15.39 -7.88 -10.06
N LEU A 34 -15.31 -9.01 -9.36
CA LEU A 34 -16.15 -9.27 -8.21
C LEU A 34 -17.65 -9.16 -8.53
N GLY A 35 -18.00 -9.48 -9.76
CA GLY A 35 -19.40 -9.44 -10.18
C GLY A 35 -19.91 -8.12 -10.72
N GLN A 36 -19.08 -7.09 -10.75
CA GLN A 36 -19.52 -5.80 -11.27
C GLN A 36 -18.71 -5.36 -12.50
N ASP A 37 -19.28 -4.44 -13.27
CA ASP A 37 -18.62 -3.92 -14.46
C ASP A 37 -17.80 -2.70 -14.05
N ALA A 38 -16.54 -2.67 -14.45
CA ALA A 38 -15.69 -1.57 -14.08
C ALA A 38 -14.81 -1.18 -15.26
N TRP A 39 -14.02 -0.12 -15.06
CA TRP A 39 -13.12 0.39 -16.09
C TRP A 39 -11.68 0.35 -15.58
N LEU A 40 -10.82 -0.36 -16.29
CA LEU A 40 -9.43 -0.48 -15.92
C LEU A 40 -8.58 0.46 -16.76
N VAL A 41 -7.84 1.34 -16.08
CA VAL A 41 -6.97 2.30 -16.75
C VAL A 41 -5.54 1.81 -16.64
N THR A 42 -4.97 1.38 -17.76
CA THR A 42 -3.61 0.86 -17.80
C THR A 42 -2.54 1.82 -18.34
N GLY A 43 -2.95 2.85 -19.07
CA GLY A 43 -1.99 3.79 -19.61
C GLY A 43 -1.49 4.80 -18.60
N TYR A 44 -0.22 5.18 -18.72
CA TYR A 44 0.39 6.14 -17.83
C TYR A 44 -0.30 7.50 -17.81
N ASP A 45 -0.43 8.11 -18.98
CA ASP A 45 -1.07 9.42 -19.08
C ASP A 45 -2.52 9.40 -18.63
N GLU A 46 -3.21 8.32 -18.99
CA GLU A 46 -4.60 8.14 -18.64
C GLU A 46 -4.74 7.97 -17.12
N ALA A 47 -3.85 7.19 -16.52
CA ALA A 47 -3.85 6.95 -15.08
C ALA A 47 -3.56 8.25 -14.34
N LYS A 48 -2.55 8.97 -14.81
CA LYS A 48 -2.20 10.23 -14.19
C LYS A 48 -3.35 11.22 -14.30
N ALA A 49 -4.01 11.24 -15.46
CA ALA A 49 -5.15 12.11 -15.70
C ALA A 49 -6.33 11.79 -14.77
N ALA A 50 -6.60 10.50 -14.61
CA ALA A 50 -7.71 10.06 -13.76
C ALA A 50 -7.51 10.42 -12.29
N LEU A 51 -6.28 10.30 -11.80
CA LEU A 51 -5.99 10.61 -10.41
C LEU A 51 -6.12 12.10 -10.13
N SER A 52 -5.87 12.89 -11.17
CA SER A 52 -5.94 14.35 -11.10
C SER A 52 -7.34 14.87 -11.37
N ASP A 53 -8.24 14.01 -11.84
CA ASP A 53 -9.60 14.43 -12.13
C ASP A 53 -10.48 14.21 -10.90
N LEU A 54 -10.90 15.31 -10.27
CA LEU A 54 -11.74 15.22 -9.08
C LEU A 54 -13.19 14.79 -9.31
N ARG A 55 -13.59 14.63 -10.57
CA ARG A 55 -14.95 14.16 -10.86
C ARG A 55 -14.99 12.66 -10.49
N LEU A 56 -13.80 12.07 -10.39
CA LEU A 56 -13.64 10.69 -10.00
C LEU A 56 -13.40 10.77 -8.50
N SER A 57 -14.47 10.53 -7.76
CA SER A 57 -14.46 10.58 -6.32
C SER A 57 -13.70 9.44 -5.64
N SER A 58 -13.30 9.69 -4.39
CA SER A 58 -12.60 8.71 -3.57
C SER A 58 -13.49 8.30 -2.39
N ASP A 59 -14.68 8.90 -2.31
CA ASP A 59 -15.59 8.66 -1.20
C ASP A 59 -16.70 7.62 -1.44
N PRO A 60 -16.61 6.46 -0.78
CA PRO A 60 -17.60 5.39 -0.92
C PRO A 60 -18.89 5.62 -0.14
N LYS A 61 -18.89 6.63 0.73
CA LYS A 61 -20.05 6.96 1.57
C LYS A 61 -21.06 7.88 0.90
N LYS A 62 -20.72 8.42 -0.26
CA LYS A 62 -21.63 9.31 -0.94
C LYS A 62 -22.81 8.56 -1.55
N LYS A 63 -23.98 9.17 -1.43
CA LYS A 63 -25.22 8.59 -1.95
C LYS A 63 -25.67 9.33 -3.21
N TYR A 64 -26.09 8.56 -4.20
CA TYR A 64 -26.57 9.11 -5.47
C TYR A 64 -27.93 8.46 -5.79
N PRO A 65 -28.74 9.13 -6.62
CA PRO A 65 -30.07 8.66 -7.03
C PRO A 65 -30.09 7.29 -7.72
N GLY A 66 -30.74 6.33 -7.05
CA GLY A 66 -30.85 4.99 -7.62
C GLY A 66 -29.54 4.30 -7.90
N VAL A 67 -28.51 4.70 -7.16
CA VAL A 67 -27.19 4.11 -7.33
C VAL A 67 -26.76 3.46 -6.02
N GLU A 68 -26.13 2.30 -6.15
CA GLU A 68 -25.60 1.58 -5.01
C GLU A 68 -24.07 1.60 -5.15
N VAL A 69 -23.41 2.55 -4.50
CA VAL A 69 -21.95 2.66 -4.59
C VAL A 69 -21.30 1.47 -3.89
N GLU A 70 -20.47 0.74 -4.65
CA GLU A 70 -19.79 -0.44 -4.12
C GLU A 70 -18.31 -0.54 -4.54
N PHE A 71 -17.40 -0.16 -3.65
CA PHE A 71 -15.97 -0.26 -3.92
C PHE A 71 -15.59 -1.71 -3.66
N PRO A 72 -14.94 -2.37 -4.62
CA PRO A 72 -14.57 -3.77 -4.39
C PRO A 72 -13.71 -4.09 -3.17
N ALA A 73 -12.99 -3.10 -2.64
CA ALA A 73 -12.13 -3.32 -1.47
C ALA A 73 -12.92 -3.51 -0.18
N TYR A 74 -14.21 -3.19 -0.21
CA TYR A 74 -15.03 -3.36 0.98
C TYR A 74 -15.90 -4.60 0.87
N LEU A 75 -15.42 -5.54 0.06
CA LEU A 75 -16.07 -6.82 -0.19
C LEU A 75 -16.37 -7.50 1.15
N GLY A 76 -17.65 -7.67 1.45
CA GLY A 76 -18.05 -8.34 2.69
C GLY A 76 -18.14 -7.52 3.96
N PHE A 77 -17.82 -6.22 3.87
CA PHE A 77 -17.87 -5.35 5.03
C PHE A 77 -19.27 -4.86 5.31
N PRO A 78 -19.74 -5.00 6.55
CA PRO A 78 -21.08 -4.53 6.90
C PRO A 78 -21.00 -3.00 6.82
N GLU A 79 -22.13 -2.31 6.68
CA GLU A 79 -22.08 -0.86 6.56
C GLU A 79 -21.41 -0.12 7.72
N ASP A 80 -21.66 -0.56 8.94
CA ASP A 80 -21.06 0.09 10.09
C ASP A 80 -19.54 0.04 10.08
N VAL A 81 -18.96 -1.13 9.75
CA VAL A 81 -17.51 -1.25 9.73
C VAL A 81 -16.94 -0.56 8.50
N ARG A 82 -17.66 -0.62 7.38
CA ARG A 82 -17.24 0.05 6.16
C ARG A 82 -17.04 1.53 6.49
N ASN A 83 -18.01 2.13 7.18
CA ASN A 83 -17.91 3.54 7.55
C ASN A 83 -16.71 3.86 8.43
N TYR A 84 -16.28 2.88 9.22
CA TYR A 84 -15.13 3.06 10.09
C TYR A 84 -13.82 3.00 9.30
N PHE A 85 -13.83 2.27 8.18
CA PHE A 85 -12.67 2.16 7.31
C PHE A 85 -12.62 3.32 6.35
N ALA A 86 -13.76 3.99 6.16
CA ALA A 86 -13.88 5.08 5.21
C ALA A 86 -14.22 6.50 5.66
N THR A 87 -13.69 6.95 6.78
CA THR A 87 -13.93 8.32 7.23
C THR A 87 -12.55 8.92 7.59
N ASN A 88 -11.64 8.87 6.63
CA ASN A 88 -10.30 9.37 6.77
C ASN A 88 -9.93 10.02 5.45
N MET A 89 -8.76 10.63 5.35
CA MET A 89 -8.40 11.29 4.10
C MET A 89 -8.46 10.53 2.78
N GLY A 90 -8.07 9.25 2.78
CA GLY A 90 -8.09 8.45 1.55
C GLY A 90 -9.48 8.08 1.04
N THR A 91 -10.49 8.31 1.87
CA THR A 91 -11.87 8.02 1.53
C THR A 91 -12.75 9.27 1.68
N SER A 92 -12.17 10.42 1.36
CA SER A 92 -12.88 11.70 1.45
C SER A 92 -12.53 12.53 0.22
N ASP A 93 -13.38 13.49 -0.10
CA ASP A 93 -13.15 14.38 -1.21
C ASP A 93 -13.10 15.77 -0.59
N PRO A 94 -12.56 16.75 -1.30
CA PRO A 94 -12.52 18.10 -0.74
C PRO A 94 -13.98 18.57 -0.54
N PRO A 95 -14.23 19.45 0.43
CA PRO A 95 -13.30 20.06 1.37
C PRO A 95 -13.02 19.22 2.62
N THR A 96 -13.74 18.11 2.76
CA THR A 96 -13.55 17.24 3.91
C THR A 96 -12.12 16.68 3.93
N HIS A 97 -11.63 16.29 2.77
CA HIS A 97 -10.28 15.75 2.66
C HIS A 97 -9.27 16.79 3.12
N THR A 98 -9.48 18.01 2.66
CA THR A 98 -8.62 19.14 2.98
C THR A 98 -8.38 19.34 4.47
N ARG A 99 -9.44 19.42 5.27
CA ARG A 99 -9.26 19.62 6.70
C ARG A 99 -8.69 18.40 7.40
N LEU A 100 -9.11 17.22 6.97
CA LEU A 100 -8.62 15.98 7.56
C LEU A 100 -7.11 15.91 7.35
N ARG A 101 -6.67 16.07 6.12
CA ARG A 101 -5.26 16.03 5.82
C ARG A 101 -4.51 17.15 6.54
N LYS A 102 -5.11 18.34 6.61
CA LYS A 102 -4.49 19.47 7.29
C LYS A 102 -4.24 19.16 8.77
N LEU A 103 -5.27 18.69 9.46
CA LEU A 103 -5.19 18.33 10.87
C LEU A 103 -4.12 17.28 11.15
N VAL A 104 -4.13 16.19 10.37
CA VAL A 104 -3.16 15.12 10.56
C VAL A 104 -1.73 15.55 10.27
N SER A 105 -1.53 16.31 9.18
CA SER A 105 -0.20 16.80 8.79
C SER A 105 0.46 17.61 9.89
N GLN A 106 -0.37 18.24 10.72
CA GLN A 106 0.13 19.05 11.83
C GLN A 106 0.93 18.22 12.80
N GLU A 107 0.58 16.94 12.92
CA GLU A 107 1.26 16.04 13.83
C GLU A 107 2.12 14.98 13.15
N PHE A 108 1.65 14.40 12.05
CA PHE A 108 2.42 13.41 11.34
C PHE A 108 3.39 14.20 10.47
N THR A 109 4.49 14.62 11.07
CA THR A 109 5.47 15.43 10.38
C THR A 109 6.75 14.71 10.06
N VAL A 110 7.60 15.36 9.26
CA VAL A 110 8.89 14.80 8.90
C VAL A 110 9.81 14.80 10.12
N ARG A 111 9.64 15.77 11.00
CA ARG A 111 10.44 15.83 12.22
C ARG A 111 10.17 14.58 13.05
N ARG A 112 8.89 14.24 13.23
CA ARG A 112 8.52 13.07 14.01
C ARG A 112 9.04 11.77 13.40
N VAL A 113 9.06 11.70 12.07
CA VAL A 113 9.54 10.52 11.37
C VAL A 113 11.07 10.42 11.50
N GLU A 114 11.75 11.55 11.34
CA GLU A 114 13.20 11.58 11.45
C GLU A 114 13.65 11.20 12.85
N ALA A 115 12.85 11.60 13.84
CA ALA A 115 13.15 11.30 15.24
C ALA A 115 13.01 9.80 15.53
N MET A 116 12.45 9.06 14.57
CA MET A 116 12.25 7.62 14.69
C MET A 116 13.40 6.83 14.10
N ARG A 117 14.23 7.49 13.30
CA ARG A 117 15.34 6.80 12.64
C ARG A 117 16.19 5.92 13.55
N PRO A 118 16.73 6.46 14.66
CA PRO A 118 17.53 5.57 15.50
C PRO A 118 16.74 4.36 16.01
N ARG A 119 15.44 4.53 16.26
CA ARG A 119 14.62 3.40 16.72
C ARG A 119 14.47 2.37 15.61
N VAL A 120 14.16 2.83 14.39
CA VAL A 120 13.98 1.95 13.26
C VAL A 120 15.26 1.17 13.01
N GLU A 121 16.39 1.85 13.10
CA GLU A 121 17.69 1.20 12.92
C GLU A 121 17.93 0.18 14.04
N GLN A 122 17.49 0.51 15.26
CA GLN A 122 17.67 -0.38 16.41
C GLN A 122 16.83 -1.65 16.29
N ILE A 123 15.57 -1.49 15.88
CA ILE A 123 14.66 -2.61 15.68
C ILE A 123 15.16 -3.53 14.57
N THR A 124 15.69 -2.95 13.51
CA THR A 124 16.21 -3.72 12.37
C THR A 124 17.34 -4.64 12.83
N ALA A 125 18.26 -4.05 13.58
CA ALA A 125 19.41 -4.77 14.12
C ALA A 125 18.98 -5.97 14.94
N GLU A 126 18.05 -5.74 15.86
CA GLU A 126 17.55 -6.77 16.74
C GLU A 126 16.92 -7.94 15.98
N LEU A 127 16.04 -7.64 15.05
CA LEU A 127 15.41 -8.69 14.27
C LEU A 127 16.47 -9.51 13.54
N LEU A 128 17.47 -8.84 13.00
CA LEU A 128 18.54 -9.53 12.28
C LEU A 128 19.40 -10.34 13.24
N ASP A 129 19.47 -9.90 14.49
CA ASP A 129 20.24 -10.59 15.52
C ASP A 129 19.61 -11.96 15.76
N GLU A 130 18.27 -11.99 15.80
CA GLU A 130 17.52 -13.21 16.06
C GLU A 130 17.43 -14.28 14.98
N VAL A 131 17.63 -13.94 13.72
CA VAL A 131 17.54 -14.93 12.64
C VAL A 131 18.76 -15.84 12.57
N GLY A 132 19.86 -15.42 13.20
CA GLY A 132 21.05 -16.23 13.18
C GLY A 132 22.02 -15.77 12.10
N ASP A 133 22.81 -16.71 11.59
CA ASP A 133 23.79 -16.41 10.54
C ASP A 133 24.10 -17.61 9.67
N SER A 134 23.17 -18.54 9.61
CA SER A 134 23.33 -19.74 8.80
C SER A 134 21.99 -20.43 8.56
N GLY A 135 21.88 -21.10 7.42
CA GLY A 135 20.66 -21.83 7.09
C GLY A 135 19.59 -21.03 6.37
N VAL A 136 18.41 -21.62 6.29
CA VAL A 136 17.25 -21.03 5.64
C VAL A 136 16.33 -20.45 6.72
N VAL A 137 15.74 -19.29 6.43
CA VAL A 137 14.79 -18.62 7.31
C VAL A 137 13.75 -17.97 6.40
N ASP A 138 12.57 -17.68 6.94
CA ASP A 138 11.51 -17.01 6.20
C ASP A 138 11.77 -15.53 6.46
N ILE A 139 12.39 -14.86 5.51
CA ILE A 139 12.72 -13.45 5.69
C ILE A 139 11.50 -12.55 5.84
N VAL A 140 10.34 -13.04 5.42
CA VAL A 140 9.12 -12.25 5.55
C VAL A 140 8.66 -12.31 7.01
N ASP A 141 8.47 -13.53 7.51
CA ASP A 141 8.02 -13.75 8.88
C ASP A 141 9.05 -13.24 9.89
N ARG A 142 10.32 -13.48 9.61
CA ARG A 142 11.39 -13.10 10.50
C ARG A 142 11.88 -11.67 10.38
N PHE A 143 11.55 -10.98 9.30
CA PHE A 143 12.07 -9.63 9.12
C PHE A 143 11.15 -8.62 8.46
N ALA A 144 10.85 -8.83 7.18
CA ALA A 144 10.02 -7.89 6.45
C ALA A 144 8.71 -7.56 7.12
N HIS A 145 8.11 -8.55 7.76
CA HIS A 145 6.83 -8.36 8.43
C HIS A 145 6.89 -7.69 9.82
N PRO A 146 7.68 -8.24 10.76
CA PRO A 146 7.79 -7.65 12.12
C PRO A 146 8.29 -6.21 12.15
N LEU A 147 9.24 -5.89 11.30
CA LEU A 147 9.82 -4.55 11.28
C LEU A 147 8.79 -3.42 11.17
N PRO A 148 8.05 -3.34 10.06
CA PRO A 148 7.05 -2.28 9.86
C PRO A 148 6.00 -2.28 10.96
N ILE A 149 5.63 -3.46 11.42
CA ILE A 149 4.63 -3.56 12.48
C ILE A 149 5.12 -2.95 13.80
N LYS A 150 6.35 -3.25 14.20
CA LYS A 150 6.90 -2.71 15.44
C LYS A 150 7.02 -1.21 15.33
N VAL A 151 7.47 -0.73 14.17
CA VAL A 151 7.63 0.70 13.95
C VAL A 151 6.29 1.43 14.07
N ILE A 152 5.26 0.96 13.37
CA ILE A 152 3.95 1.61 13.41
C ILE A 152 3.29 1.54 14.79
N CYS A 153 3.50 0.45 15.51
CA CYS A 153 2.94 0.29 16.84
C CYS A 153 3.55 1.30 17.80
N GLU A 154 4.83 1.61 17.63
CA GLU A 154 5.47 2.59 18.51
C GLU A 154 5.00 4.00 18.16
N LEU A 155 4.83 4.25 16.87
CA LEU A 155 4.40 5.54 16.38
C LEU A 155 2.98 5.82 16.89
N LEU A 156 2.16 4.78 16.89
CA LEU A 156 0.76 4.88 17.28
C LEU A 156 0.40 4.58 18.74
N GLY A 157 1.36 4.12 19.52
CA GLY A 157 1.10 3.82 20.91
C GLY A 157 0.48 2.45 21.16
N VAL A 158 0.60 1.54 20.19
CA VAL A 158 0.05 0.20 20.32
C VAL A 158 1.07 -0.62 21.10
N ASP A 159 0.68 -1.09 22.29
CA ASP A 159 1.55 -1.88 23.14
C ASP A 159 1.64 -3.35 22.75
N GLU A 160 2.57 -4.05 23.41
CA GLU A 160 2.82 -5.47 23.19
C GLU A 160 1.57 -6.33 23.12
N ALA A 161 0.78 -6.35 24.20
CA ALA A 161 -0.44 -7.14 24.24
C ALA A 161 -1.53 -6.52 23.37
N ALA A 162 -1.36 -6.66 22.05
CA ALA A 162 -2.28 -6.11 21.08
C ALA A 162 -1.73 -6.41 19.68
N ARG A 163 -0.41 -6.24 19.56
CA ARG A 163 0.28 -6.47 18.30
C ARG A 163 0.15 -7.94 17.88
N GLY A 164 0.50 -8.25 16.65
CA GLY A 164 0.41 -9.61 16.17
C GLY A 164 -1.00 -10.02 15.77
N ALA A 165 -1.95 -9.85 16.69
CA ALA A 165 -3.34 -10.19 16.44
C ALA A 165 -3.79 -9.58 15.11
N PHE A 166 -3.73 -8.25 15.03
CA PHE A 166 -4.13 -7.55 13.80
C PHE A 166 -3.39 -8.05 12.57
N GLY A 167 -2.23 -8.67 12.81
CA GLY A 167 -1.46 -9.20 11.71
C GLY A 167 -2.29 -10.17 10.92
N ARG A 168 -2.95 -11.10 11.61
CA ARG A 168 -3.78 -12.10 10.94
C ARG A 168 -5.04 -11.52 10.30
N TRP A 169 -5.60 -10.48 10.91
CA TRP A 169 -6.80 -9.85 10.38
C TRP A 169 -6.49 -9.21 9.04
N SER A 170 -5.44 -8.38 9.04
CA SER A 170 -5.00 -7.66 7.85
C SER A 170 -4.74 -8.59 6.66
N SER A 171 -4.21 -9.79 6.92
CA SER A 171 -3.97 -10.73 5.84
C SER A 171 -5.29 -11.01 5.11
N GLU A 172 -6.34 -11.32 5.87
CA GLU A 172 -7.65 -11.61 5.31
C GLU A 172 -8.20 -10.46 4.47
N ILE A 173 -8.05 -9.25 4.98
CA ILE A 173 -8.52 -8.05 4.31
C ILE A 173 -7.80 -7.77 2.98
N LEU A 174 -6.56 -8.24 2.85
CA LEU A 174 -5.78 -8.00 1.64
C LEU A 174 -6.27 -8.71 0.41
N VAL A 175 -6.99 -9.81 0.59
CA VAL A 175 -7.50 -10.56 -0.55
C VAL A 175 -9.00 -10.37 -0.69
N MET A 176 -9.47 -10.31 -1.94
CA MET A 176 -10.89 -10.14 -2.22
C MET A 176 -11.41 -11.36 -2.93
N ASP A 177 -11.70 -12.39 -2.15
CA ASP A 177 -12.22 -13.66 -2.66
C ASP A 177 -13.65 -13.78 -2.18
N PRO A 178 -14.61 -13.69 -3.11
CA PRO A 178 -16.05 -13.77 -2.80
C PRO A 178 -16.42 -14.97 -1.92
N GLU A 179 -15.69 -16.06 -2.05
CA GLU A 179 -15.94 -17.26 -1.26
C GLU A 179 -15.75 -16.95 0.23
N ARG A 180 -14.71 -16.17 0.56
CA ARG A 180 -14.41 -15.82 1.93
C ARG A 180 -14.91 -14.43 2.32
N ALA A 181 -15.98 -13.97 1.67
CA ALA A 181 -16.53 -12.65 1.96
C ALA A 181 -16.93 -12.43 3.42
N GLU A 182 -17.52 -13.44 4.06
CA GLU A 182 -17.95 -13.28 5.45
C GLU A 182 -16.75 -13.30 6.40
N GLN A 183 -15.76 -14.12 6.11
CA GLN A 183 -14.55 -14.16 6.94
C GLN A 183 -13.85 -12.81 6.84
N ARG A 184 -13.85 -12.25 5.64
CA ARG A 184 -13.22 -10.95 5.38
C ARG A 184 -13.96 -9.90 6.22
N GLY A 185 -15.29 -9.92 6.14
CA GLY A 185 -16.09 -8.98 6.91
C GLY A 185 -15.89 -9.17 8.41
N GLN A 186 -15.61 -10.40 8.81
CA GLN A 186 -15.38 -10.74 10.21
C GLN A 186 -14.08 -10.13 10.70
N ALA A 187 -13.02 -10.32 9.93
CA ALA A 187 -11.69 -9.79 10.26
C ALA A 187 -11.78 -8.27 10.37
N ALA A 188 -12.55 -7.66 9.49
CA ALA A 188 -12.73 -6.22 9.47
C ALA A 188 -13.31 -5.70 10.78
N ARG A 189 -14.32 -6.40 11.29
CA ARG A 189 -14.97 -6.02 12.55
C ARG A 189 -14.00 -6.14 13.72
N GLU A 190 -13.11 -7.13 13.63
CA GLU A 190 -12.09 -7.35 14.64
C GLU A 190 -11.17 -6.14 14.72
N VAL A 191 -10.68 -5.67 13.57
CA VAL A 191 -9.78 -4.51 13.56
C VAL A 191 -10.52 -3.28 14.08
N VAL A 192 -11.80 -3.14 13.71
CA VAL A 192 -12.61 -2.01 14.16
C VAL A 192 -12.74 -2.04 15.69
N ASN A 193 -12.94 -3.21 16.26
CA ASN A 193 -13.06 -3.35 17.72
C ASN A 193 -11.75 -2.99 18.38
N PHE A 194 -10.67 -3.56 17.85
CA PHE A 194 -9.32 -3.32 18.37
C PHE A 194 -9.01 -1.82 18.40
N ILE A 195 -9.33 -1.12 17.32
CA ILE A 195 -9.09 0.31 17.23
C ILE A 195 -9.93 1.11 18.22
N LEU A 196 -11.19 0.72 18.39
CA LEU A 196 -12.07 1.43 19.33
C LEU A 196 -11.48 1.38 20.74
N ASP A 197 -10.90 0.24 21.11
CA ASP A 197 -10.27 0.06 22.42
C ASP A 197 -9.02 0.91 22.51
N LEU A 198 -8.20 0.83 21.48
CA LEU A 198 -6.96 1.57 21.41
C LEU A 198 -7.23 3.06 21.66
N VAL A 199 -8.16 3.60 20.89
CA VAL A 199 -8.52 5.01 21.00
C VAL A 199 -9.04 5.37 22.38
N GLU A 200 -9.87 4.51 22.95
CA GLU A 200 -10.41 4.78 24.27
C GLU A 200 -9.34 4.80 25.34
N ARG A 201 -8.48 3.79 25.35
CA ARG A 201 -7.41 3.73 26.34
C ARG A 201 -6.46 4.89 26.16
N ARG A 202 -6.35 5.36 24.93
CA ARG A 202 -5.47 6.47 24.62
C ARG A 202 -6.04 7.81 25.14
N ARG A 203 -7.37 7.92 25.19
CA ARG A 203 -8.03 9.14 25.68
C ARG A 203 -7.91 9.23 27.19
N THR A 204 -7.79 8.08 27.82
CA THR A 204 -7.66 7.95 29.26
C THR A 204 -6.21 8.11 29.71
N GLU A 205 -5.29 7.44 29.02
CA GLU A 205 -3.87 7.51 29.36
C GLU A 205 -3.04 8.06 28.20
N PRO A 206 -3.03 9.39 28.05
CA PRO A 206 -2.29 10.07 26.98
C PRO A 206 -0.78 9.92 27.10
N GLY A 207 -0.12 9.88 25.94
CA GLY A 207 1.32 9.75 25.88
C GLY A 207 1.92 10.68 24.86
N ASP A 208 3.11 10.36 24.36
CA ASP A 208 3.80 11.19 23.37
C ASP A 208 3.50 10.74 21.94
N ASP A 209 2.91 9.56 21.82
CA ASP A 209 2.58 8.96 20.52
C ASP A 209 1.75 9.84 19.59
N LEU A 210 1.70 9.46 18.33
CA LEU A 210 0.94 10.19 17.33
C LEU A 210 -0.57 10.19 17.61
N LEU A 211 -1.09 9.07 18.11
CA LEU A 211 -2.52 8.97 18.40
C LEU A 211 -2.96 9.97 19.47
N SER A 212 -2.14 10.09 20.52
CA SER A 212 -2.45 11.01 21.60
C SER A 212 -2.48 12.42 21.03
N ALA A 213 -1.46 12.75 20.24
CA ALA A 213 -1.36 14.07 19.63
C ALA A 213 -2.54 14.39 18.73
N LEU A 214 -3.00 13.42 17.93
CA LEU A 214 -4.14 13.65 17.05
C LEU A 214 -5.42 13.83 17.86
N ILE A 215 -5.43 13.36 19.10
CA ILE A 215 -6.61 13.47 19.94
C ILE A 215 -6.83 14.89 20.43
N SER A 216 -5.74 15.62 20.68
CA SER A 216 -5.88 16.99 21.17
C SER A 216 -5.62 18.04 20.10
N VAL A 217 -5.20 17.61 18.92
CA VAL A 217 -4.91 18.54 17.84
C VAL A 217 -6.13 19.33 17.41
N GLN A 218 -5.94 20.62 17.20
CA GLN A 218 -7.02 21.51 16.78
C GLN A 218 -6.46 22.70 16.01
N ASP A 219 -7.24 23.18 15.06
CA ASP A 219 -6.84 24.32 14.24
C ASP A 219 -7.92 25.39 14.30
N ASP A 220 -7.51 26.64 14.56
CA ASP A 220 -8.43 27.77 14.67
C ASP A 220 -9.56 27.82 13.64
N ASP A 221 -9.25 27.50 12.39
CA ASP A 221 -10.23 27.56 11.31
C ASP A 221 -10.88 26.23 10.93
N ASP A 222 -10.20 25.12 11.20
CA ASP A 222 -10.72 23.80 10.84
C ASP A 222 -11.28 22.98 12.01
N GLY A 223 -11.12 23.48 13.23
CA GLY A 223 -11.61 22.77 14.39
C GLY A 223 -10.77 21.55 14.69
N ARG A 224 -11.41 20.46 15.09
CA ARG A 224 -10.69 19.26 15.40
C ARG A 224 -11.36 18.00 14.86
N LEU A 225 -10.67 16.87 15.00
CA LEU A 225 -11.17 15.58 14.53
C LEU A 225 -12.29 15.11 15.44
N SER A 226 -13.37 14.64 14.84
CA SER A 226 -14.49 14.11 15.60
C SER A 226 -14.08 12.71 16.02
N ALA A 227 -14.88 12.09 16.89
CA ALA A 227 -14.61 10.75 17.36
C ALA A 227 -14.50 9.76 16.20
N ASP A 228 -15.43 9.84 15.25
CA ASP A 228 -15.43 8.96 14.10
C ASP A 228 -14.22 9.15 13.24
N GLU A 229 -13.93 10.41 12.90
CA GLU A 229 -12.76 10.73 12.09
C GLU A 229 -11.49 10.24 12.78
N LEU A 230 -11.38 10.51 14.07
CA LEU A 230 -10.23 10.11 14.85
C LEU A 230 -10.09 8.60 14.81
N THR A 231 -11.21 7.91 14.99
CA THR A 231 -11.22 6.46 14.98
C THR A 231 -10.85 5.88 13.61
N SER A 232 -11.37 6.47 12.55
CA SER A 232 -11.11 5.97 11.20
C SER A 232 -9.67 6.24 10.76
N ILE A 233 -9.16 7.44 11.07
CA ILE A 233 -7.80 7.82 10.70
C ILE A 233 -6.82 6.90 11.43
N ALA A 234 -7.07 6.65 12.72
CA ALA A 234 -6.23 5.77 13.50
C ALA A 234 -6.15 4.39 12.84
N LEU A 235 -7.31 3.86 12.47
CA LEU A 235 -7.43 2.56 11.82
C LEU A 235 -6.63 2.48 10.54
N VAL A 236 -6.78 3.47 9.67
CA VAL A 236 -6.05 3.47 8.42
C VAL A 236 -4.54 3.71 8.61
N LEU A 237 -4.18 4.53 9.59
CA LEU A 237 -2.76 4.77 9.84
C LEU A 237 -2.10 3.49 10.28
N LEU A 238 -2.78 2.71 11.11
CA LEU A 238 -2.25 1.45 11.58
C LEU A 238 -2.05 0.47 10.41
N LEU A 239 -3.13 0.17 9.70
CA LEU A 239 -3.10 -0.77 8.58
C LEU A 239 -2.22 -0.34 7.41
N ALA A 240 -2.45 0.87 6.90
CA ALA A 240 -1.68 1.37 5.78
C ALA A 240 -0.24 1.66 6.21
N GLY A 241 -0.05 1.85 7.51
CA GLY A 241 1.27 2.13 8.06
C GLY A 241 2.27 1.00 8.01
N PHE A 242 1.83 -0.25 7.88
CA PHE A 242 2.77 -1.37 7.82
C PHE A 242 2.65 -2.29 6.62
N GLU A 243 1.44 -2.53 6.14
CA GLU A 243 1.25 -3.45 5.01
C GLU A 243 2.05 -3.16 3.74
N ALA A 244 2.00 -1.93 3.26
CA ALA A 244 2.71 -1.59 2.04
C ALA A 244 4.22 -1.66 2.26
N SER A 245 4.67 -1.36 3.47
CA SER A 245 6.10 -1.40 3.79
C SER A 245 6.60 -2.85 3.81
N VAL A 246 5.74 -3.78 4.23
CA VAL A 246 6.10 -5.19 4.27
C VAL A 246 6.35 -5.61 2.82
N SER A 247 5.44 -5.21 1.92
CA SER A 247 5.57 -5.52 0.51
C SER A 247 6.85 -4.93 -0.08
N LEU A 248 7.14 -3.68 0.24
CA LEU A 248 8.37 -3.03 -0.25
C LEU A 248 9.64 -3.80 0.13
N ILE A 249 9.77 -4.13 1.42
CA ILE A 249 10.94 -4.84 1.94
C ILE A 249 11.07 -6.23 1.31
N GLY A 250 9.97 -6.99 1.34
CA GLY A 250 9.97 -8.34 0.78
C GLY A 250 10.15 -8.42 -0.72
N ILE A 251 9.50 -7.54 -1.47
CA ILE A 251 9.62 -7.51 -2.93
C ILE A 251 11.01 -7.00 -3.24
N GLY A 252 11.45 -5.98 -2.50
CA GLY A 252 12.77 -5.41 -2.68
C GLY A 252 13.87 -6.45 -2.48
N THR A 253 13.69 -7.32 -1.49
CA THR A 253 14.66 -8.37 -1.22
C THR A 253 14.69 -9.38 -2.37
N TYR A 254 13.51 -9.75 -2.87
CA TYR A 254 13.39 -10.69 -3.97
C TYR A 254 14.04 -10.15 -5.23
N LEU A 255 13.85 -8.86 -5.49
CA LEU A 255 14.42 -8.23 -6.68
C LEU A 255 15.94 -8.12 -6.69
N LEU A 256 16.52 -7.67 -5.59
CA LEU A 256 17.98 -7.56 -5.51
C LEU A 256 18.62 -8.94 -5.57
N LEU A 257 18.00 -9.90 -4.90
CA LEU A 257 18.48 -11.26 -4.88
C LEU A 257 18.49 -11.80 -6.31
N THR A 258 17.41 -11.54 -7.05
CA THR A 258 17.31 -12.02 -8.42
C THR A 258 18.05 -11.21 -9.48
N HIS A 259 18.55 -10.04 -9.09
CA HIS A 259 19.28 -9.18 -10.01
C HIS A 259 20.64 -8.87 -9.40
N PRO A 260 21.56 -9.86 -9.43
CA PRO A 260 22.92 -9.80 -8.90
C PRO A 260 23.61 -8.51 -9.30
N ASP A 261 23.54 -8.20 -10.59
CA ASP A 261 24.15 -7.00 -11.14
C ASP A 261 23.67 -5.74 -10.42
N GLN A 262 22.37 -5.68 -10.14
CA GLN A 262 21.79 -4.52 -9.46
C GLN A 262 22.17 -4.51 -7.98
N LEU A 263 22.19 -5.68 -7.36
CA LEU A 263 22.54 -5.79 -5.95
C LEU A 263 23.98 -5.36 -5.71
N ALA A 264 24.87 -5.80 -6.58
CA ALA A 264 26.30 -5.46 -6.50
C ALA A 264 26.46 -3.94 -6.56
N LEU A 265 25.69 -3.33 -7.46
CA LEU A 265 25.70 -1.89 -7.67
C LEU A 265 25.36 -1.17 -6.35
N VAL A 266 24.36 -1.68 -5.66
CA VAL A 266 23.91 -1.09 -4.39
C VAL A 266 24.98 -1.29 -3.31
N ARG A 267 25.56 -2.47 -3.27
CA ARG A 267 26.59 -2.79 -2.29
C ARG A 267 27.81 -1.87 -2.45
N ALA A 268 28.22 -1.67 -3.70
CA ALA A 268 29.36 -0.82 -4.02
C ALA A 268 29.06 0.64 -3.73
N ASP A 269 27.87 1.09 -4.10
CA ASP A 269 27.50 2.48 -3.87
C ASP A 269 26.21 2.57 -3.04
N PRO A 270 26.37 2.79 -1.72
CA PRO A 270 25.25 2.91 -0.78
C PRO A 270 24.38 4.13 -1.07
N SER A 271 24.95 5.12 -1.75
CA SER A 271 24.18 6.33 -2.09
C SER A 271 23.22 6.02 -3.24
N ALA A 272 23.36 4.82 -3.81
CA ALA A 272 22.51 4.37 -4.90
C ALA A 272 21.31 3.61 -4.33
N LEU A 273 21.24 3.52 -3.01
CA LEU A 273 20.14 2.81 -2.34
C LEU A 273 18.79 3.55 -2.39
N PRO A 274 18.77 4.86 -2.07
CA PRO A 274 17.49 5.58 -2.11
C PRO A 274 16.76 5.43 -3.44
N ASN A 275 17.52 5.50 -4.53
CA ASN A 275 16.97 5.37 -5.88
C ASN A 275 16.62 3.91 -6.19
N ALA A 276 17.29 2.98 -5.52
CA ALA A 276 16.98 1.58 -5.70
C ALA A 276 15.58 1.34 -5.11
N VAL A 277 15.31 2.00 -3.98
CA VAL A 277 14.01 1.87 -3.32
C VAL A 277 12.91 2.41 -4.24
N GLU A 278 13.18 3.54 -4.87
CA GLU A 278 12.24 4.15 -5.81
C GLU A 278 12.04 3.24 -7.03
N GLU A 279 13.11 2.59 -7.51
CA GLU A 279 12.98 1.68 -8.65
C GLU A 279 12.25 0.40 -8.26
N ILE A 280 12.33 0.02 -6.98
CA ILE A 280 11.63 -1.18 -6.54
C ILE A 280 10.13 -0.92 -6.59
N LEU A 281 9.74 0.26 -6.10
CA LEU A 281 8.34 0.66 -6.10
C LEU A 281 7.81 0.80 -7.51
N ARG A 282 8.62 1.34 -8.41
CA ARG A 282 8.20 1.50 -9.80
C ARG A 282 8.03 0.17 -10.48
N TYR A 283 9.00 -0.72 -10.30
CA TYR A 283 8.99 -2.03 -10.92
C TYR A 283 7.74 -2.85 -10.57
N ILE A 284 7.52 -3.10 -9.27
CA ILE A 284 6.33 -3.84 -8.82
C ILE A 284 5.67 -3.05 -7.72
N ALA A 285 4.74 -2.18 -8.11
CA ALA A 285 4.00 -1.34 -7.19
C ALA A 285 3.10 -2.13 -6.25
N PRO A 286 3.24 -1.95 -4.91
CA PRO A 286 2.39 -2.68 -3.98
C PRO A 286 0.90 -2.35 -4.22
N PRO A 287 0.52 -1.05 -4.28
CA PRO A 287 -0.88 -0.68 -4.51
C PRO A 287 -1.09 -0.77 -6.02
N GLU A 288 -1.19 -1.99 -6.53
CA GLU A 288 -1.34 -2.19 -7.97
C GLU A 288 -2.54 -1.53 -8.59
N THR A 289 -3.59 -1.36 -7.79
CA THR A 289 -4.82 -0.78 -8.28
C THR A 289 -5.46 0.12 -7.23
N THR A 290 -5.88 1.31 -7.65
CA THR A 290 -6.58 2.22 -6.75
C THR A 290 -7.96 2.51 -7.35
N THR A 291 -8.98 2.56 -6.51
CA THR A 291 -10.36 2.75 -6.95
C THR A 291 -10.89 4.16 -6.90
N ARG A 292 -11.72 4.49 -7.89
CA ARG A 292 -12.36 5.79 -7.99
C ARG A 292 -13.81 5.59 -8.46
N PHE A 293 -14.69 6.51 -8.12
CA PHE A 293 -16.08 6.45 -8.52
C PHE A 293 -16.40 7.67 -9.36
N ALA A 294 -16.93 7.44 -10.55
CA ALA A 294 -17.29 8.52 -11.47
C ALA A 294 -18.57 9.21 -11.08
N ALA A 295 -18.46 10.32 -10.36
CA ALA A 295 -19.64 11.05 -9.93
C ALA A 295 -20.31 11.70 -11.15
N GLU A 296 -19.50 11.96 -12.17
CA GLU A 296 -19.97 12.57 -13.40
C GLU A 296 -19.37 11.78 -14.53
N GLU A 297 -19.87 12.01 -15.75
CA GLU A 297 -19.32 11.34 -16.91
C GLU A 297 -17.94 11.95 -17.04
N VAL A 298 -16.96 11.14 -17.43
CA VAL A 298 -15.59 11.60 -17.53
C VAL A 298 -14.97 10.96 -18.75
N GLU A 299 -14.29 11.75 -19.56
CA GLU A 299 -13.64 11.21 -20.74
C GLU A 299 -12.15 11.06 -20.42
N ILE A 300 -11.66 9.82 -20.48
CA ILE A 300 -10.25 9.53 -20.20
C ILE A 300 -9.64 8.85 -21.41
N GLY A 301 -8.58 9.46 -21.94
CA GLY A 301 -7.88 8.90 -23.09
C GLY A 301 -8.77 8.67 -24.30
N GLY A 302 -9.67 9.61 -24.56
CA GLY A 302 -10.57 9.49 -25.69
C GLY A 302 -11.82 8.68 -25.39
N VAL A 303 -11.81 7.92 -24.31
CA VAL A 303 -12.94 7.09 -23.90
C VAL A 303 -13.84 7.80 -22.90
N ALA A 304 -15.15 7.76 -23.13
CA ALA A 304 -16.10 8.38 -22.23
C ALA A 304 -16.57 7.35 -21.22
N ILE A 305 -16.14 7.51 -19.97
CA ILE A 305 -16.51 6.63 -18.88
C ILE A 305 -17.86 7.10 -18.36
N PRO A 306 -18.89 6.25 -18.44
CA PRO A 306 -20.24 6.57 -17.99
C PRO A 306 -20.28 7.08 -16.55
N GLN A 307 -21.25 7.93 -16.25
CA GLN A 307 -21.43 8.45 -14.91
C GLN A 307 -21.78 7.26 -14.03
N TYR A 308 -21.40 7.33 -12.76
CA TYR A 308 -21.66 6.26 -11.79
C TYR A 308 -20.88 4.97 -12.06
N SER A 309 -19.76 5.05 -12.77
CA SER A 309 -18.94 3.88 -13.03
C SER A 309 -17.86 3.74 -11.94
N THR A 310 -17.35 2.53 -11.78
CA THR A 310 -16.27 2.27 -10.83
C THR A 310 -15.04 2.23 -11.71
N VAL A 311 -14.05 3.06 -11.40
CA VAL A 311 -12.84 3.10 -12.20
C VAL A 311 -11.68 2.56 -11.37
N LEU A 312 -10.89 1.69 -11.98
CA LEU A 312 -9.75 1.08 -11.33
C LEU A 312 -8.51 1.59 -12.03
N VAL A 313 -7.80 2.51 -11.38
CA VAL A 313 -6.56 3.05 -11.95
C VAL A 313 -5.47 2.04 -11.63
N ALA A 314 -4.91 1.39 -12.65
CA ALA A 314 -3.87 0.42 -12.42
C ALA A 314 -2.48 1.06 -12.31
N ASN A 315 -2.18 1.60 -11.12
CA ASN A 315 -0.88 2.24 -10.85
C ASN A 315 0.28 1.38 -11.29
N GLY A 316 0.16 0.07 -11.09
CA GLY A 316 1.21 -0.85 -11.45
C GLY A 316 1.42 -1.02 -12.94
N ALA A 317 0.33 -0.98 -13.71
CA ALA A 317 0.44 -1.13 -15.15
C ALA A 317 1.05 0.14 -15.72
N ALA A 318 0.63 1.28 -15.15
CA ALA A 318 1.13 2.59 -15.58
C ALA A 318 2.64 2.73 -15.44
N ASN A 319 3.19 2.20 -14.34
CA ASN A 319 4.63 2.26 -14.10
C ASN A 319 5.39 1.42 -15.12
N ARG A 320 4.67 0.66 -15.93
CA ARG A 320 5.29 -0.19 -16.94
C ARG A 320 4.89 0.26 -18.36
N ASP A 321 4.50 1.51 -18.50
CA ASP A 321 4.11 2.03 -19.80
C ASP A 321 5.37 2.46 -20.53
N PRO A 322 5.67 1.82 -21.68
CA PRO A 322 6.84 2.10 -22.50
C PRO A 322 7.06 3.57 -22.84
N SER A 323 5.98 4.26 -23.17
CA SER A 323 6.09 5.67 -23.52
C SER A 323 6.59 6.53 -22.38
N GLN A 324 6.48 6.03 -21.15
CA GLN A 324 6.93 6.79 -20.00
C GLN A 324 8.21 6.22 -19.40
N PHE A 325 8.34 4.90 -19.40
CA PHE A 325 9.50 4.23 -18.85
C PHE A 325 10.04 3.27 -19.90
N PRO A 326 11.10 3.68 -20.62
CA PRO A 326 11.74 2.88 -21.67
C PRO A 326 12.29 1.57 -21.14
N ASP A 327 11.89 0.47 -21.77
CA ASP A 327 12.30 -0.87 -21.35
C ASP A 327 11.80 -1.02 -19.91
N PRO A 328 10.50 -0.76 -19.68
CA PRO A 328 9.84 -0.82 -18.37
C PRO A 328 9.96 -2.13 -17.63
N HIS A 329 10.21 -3.20 -18.38
CA HIS A 329 10.36 -4.52 -17.79
C HIS A 329 11.77 -4.79 -17.29
N ARG A 330 12.64 -3.78 -17.34
CA ARG A 330 14.00 -3.93 -16.88
C ARG A 330 14.15 -3.23 -15.54
N PHE A 331 14.54 -4.01 -14.53
CA PHE A 331 14.74 -3.49 -13.18
C PHE A 331 16.11 -2.82 -13.19
N ASP A 332 16.14 -1.49 -13.13
CA ASP A 332 17.42 -0.76 -13.16
C ASP A 332 17.48 0.28 -12.06
N VAL A 333 18.30 0.02 -11.04
CA VAL A 333 18.47 0.91 -9.90
C VAL A 333 19.00 2.31 -10.26
N THR A 334 19.55 2.45 -11.46
CA THR A 334 20.11 3.72 -11.91
C THR A 334 19.19 4.55 -12.80
N ARG A 335 18.10 3.96 -13.28
CA ARG A 335 17.16 4.65 -14.16
C ARG A 335 16.43 5.80 -13.48
N ASP A 336 15.82 6.66 -14.30
CA ASP A 336 15.07 7.80 -13.78
C ASP A 336 13.71 7.25 -13.41
N THR A 337 13.36 7.39 -12.14
CA THR A 337 12.09 6.89 -11.65
C THR A 337 11.05 7.99 -11.44
N ARG A 338 11.46 9.24 -11.66
CA ARG A 338 10.55 10.37 -11.48
C ARG A 338 9.23 10.16 -12.19
N GLY A 339 8.13 10.44 -11.49
CA GLY A 339 6.82 10.30 -12.09
C GLY A 339 6.08 8.98 -11.88
N HIS A 340 6.73 7.96 -11.31
CA HIS A 340 6.02 6.70 -11.08
C HIS A 340 4.84 6.99 -10.17
N LEU A 341 3.80 6.15 -10.23
CA LEU A 341 2.59 6.36 -9.46
C LEU A 341 2.40 5.49 -8.20
N SER A 342 3.47 4.91 -7.68
CA SER A 342 3.37 4.07 -6.50
C SER A 342 3.00 4.78 -5.21
N PHE A 343 3.28 6.08 -5.15
CA PHE A 343 2.94 6.85 -3.96
C PHE A 343 1.70 7.69 -4.24
N GLY A 344 1.07 7.45 -5.37
CA GLY A 344 -0.10 8.22 -5.72
C GLY A 344 0.24 9.35 -6.65
N GLN A 345 -0.68 10.31 -6.72
CA GLN A 345 -0.56 11.47 -7.59
C GLN A 345 -1.75 12.38 -7.27
N GLY A 346 -1.50 13.66 -7.10
CA GLY A 346 -2.61 14.55 -6.80
C GLY A 346 -2.81 14.81 -5.33
N ILE A 347 -4.02 15.22 -4.95
CA ILE A 347 -4.32 15.56 -3.57
C ILE A 347 -4.19 14.40 -2.57
N HIS A 348 -4.32 13.16 -3.04
CA HIS A 348 -4.22 12.02 -2.14
C HIS A 348 -2.82 11.44 -2.09
N PHE A 349 -1.83 12.18 -2.59
CA PHE A 349 -0.45 11.70 -2.60
C PHE A 349 -0.08 11.15 -1.24
N CYS A 350 0.68 10.07 -1.23
CA CYS A 350 1.09 9.42 0.02
C CYS A 350 1.65 10.32 1.10
N MET A 351 1.01 10.32 2.25
CA MET A 351 1.46 11.11 3.39
C MET A 351 2.63 10.43 4.11
N GLY A 352 2.70 9.09 4.02
CA GLY A 352 3.76 8.36 4.70
C GLY A 352 5.00 8.06 3.90
N ARG A 353 5.16 8.75 2.78
CA ARG A 353 6.31 8.57 1.90
C ARG A 353 7.66 8.63 2.66
N PRO A 354 7.84 9.63 3.55
CA PRO A 354 9.09 9.77 4.31
C PRO A 354 9.40 8.54 5.16
N LEU A 355 8.39 8.02 5.86
CA LEU A 355 8.56 6.83 6.68
C LEU A 355 8.79 5.58 5.85
N ALA A 356 8.09 5.47 4.72
CA ALA A 356 8.24 4.31 3.84
C ALA A 356 9.65 4.20 3.23
N LYS A 357 10.21 5.33 2.85
CA LYS A 357 11.55 5.36 2.26
C LYS A 357 12.59 5.07 3.32
N LEU A 358 12.38 5.61 4.53
CA LEU A 358 13.29 5.40 5.65
C LEU A 358 13.36 3.90 5.96
N GLU A 359 12.19 3.29 6.12
CA GLU A 359 12.11 1.86 6.40
C GLU A 359 12.74 1.01 5.30
N GLY A 360 12.42 1.28 4.04
CA GLY A 360 13.01 0.51 2.95
C GLY A 360 14.53 0.63 2.87
N GLU A 361 15.05 1.83 3.04
CA GLU A 361 16.49 2.06 2.99
C GLU A 361 17.22 1.39 4.15
N VAL A 362 16.80 1.70 5.39
CA VAL A 362 17.42 1.14 6.58
C VAL A 362 17.39 -0.38 6.57
N ALA A 363 16.24 -0.94 6.19
CA ALA A 363 16.07 -2.39 6.16
C ALA A 363 16.92 -3.12 5.12
N LEU A 364 16.85 -2.68 3.86
CA LEU A 364 17.63 -3.34 2.81
C LEU A 364 19.12 -3.19 3.04
N ARG A 365 19.54 -2.01 3.47
CA ARG A 365 20.95 -1.73 3.73
C ARG A 365 21.47 -2.74 4.77
N ALA A 366 20.75 -2.84 5.89
CA ALA A 366 21.10 -3.74 6.97
C ALA A 366 21.09 -5.20 6.55
N LEU A 367 20.01 -5.62 5.91
CA LEU A 367 19.87 -7.00 5.48
C LEU A 367 21.08 -7.42 4.67
N PHE A 368 21.29 -6.74 3.54
CA PHE A 368 22.38 -7.06 2.62
C PHE A 368 23.79 -6.77 3.09
N GLY A 369 23.94 -5.83 4.02
CA GLY A 369 25.27 -5.52 4.53
C GLY A 369 25.66 -6.51 5.61
N ARG A 370 24.66 -7.17 6.17
CA ARG A 370 24.84 -8.14 7.24
C ARG A 370 25.04 -9.55 6.69
N PHE A 371 24.44 -9.84 5.54
CA PHE A 371 24.57 -11.16 4.94
C PHE A 371 25.08 -11.02 3.51
N PRO A 372 26.39 -10.83 3.33
CA PRO A 372 26.95 -10.69 1.98
C PRO A 372 26.84 -11.96 1.13
N ALA A 373 26.37 -13.04 1.74
CA ALA A 373 26.22 -14.30 1.03
C ALA A 373 24.76 -14.69 0.86
N LEU A 374 23.88 -13.79 1.25
CA LEU A 374 22.43 -14.00 1.17
C LEU A 374 21.99 -14.41 -0.23
N SER A 375 21.09 -15.39 -0.30
CA SER A 375 20.57 -15.87 -1.58
C SER A 375 19.17 -16.45 -1.39
N LEU A 376 18.47 -16.69 -2.49
CA LEU A 376 17.13 -17.26 -2.42
C LEU A 376 17.22 -18.74 -2.09
N GLY A 377 16.26 -19.23 -1.31
CA GLY A 377 16.25 -20.62 -0.93
C GLY A 377 15.36 -21.44 -1.84
N ILE A 378 14.76 -20.77 -2.82
CA ILE A 378 13.86 -21.41 -3.78
C ILE A 378 14.19 -20.89 -5.17
N ASP A 379 13.76 -21.62 -6.18
CA ASP A 379 13.99 -21.19 -7.55
C ASP A 379 13.11 -19.97 -7.77
N ALA A 380 13.66 -18.94 -8.41
CA ALA A 380 12.93 -17.69 -8.67
C ALA A 380 11.51 -17.86 -9.21
N ASP A 381 11.30 -18.85 -10.06
CA ASP A 381 9.98 -19.08 -10.65
C ASP A 381 8.98 -19.70 -9.67
N ASP A 382 9.48 -20.17 -8.54
CA ASP A 382 8.64 -20.79 -7.53
C ASP A 382 8.08 -19.87 -6.46
N VAL A 383 8.53 -18.63 -6.48
CA VAL A 383 8.06 -17.62 -5.53
C VAL A 383 6.55 -17.46 -5.71
N VAL A 384 5.82 -17.49 -4.60
CA VAL A 384 4.37 -17.34 -4.66
C VAL A 384 3.99 -15.90 -4.38
N TRP A 385 3.30 -15.28 -5.35
CA TRP A 385 2.87 -13.89 -5.23
C TRP A 385 1.46 -13.81 -4.64
N ARG A 386 1.24 -12.83 -3.76
CA ARG A 386 -0.08 -12.65 -3.18
C ARG A 386 -1.05 -12.33 -4.31
N ARG A 387 -2.16 -13.03 -4.34
CA ARG A 387 -3.19 -12.87 -5.36
C ARG A 387 -4.14 -11.73 -4.98
N SER A 388 -3.66 -10.49 -5.09
CA SER A 388 -4.46 -9.33 -4.74
C SER A 388 -4.08 -8.15 -5.60
N LEU A 389 -5.09 -7.45 -6.10
CA LEU A 389 -4.91 -6.28 -6.92
C LEU A 389 -4.88 -5.05 -6.01
N LEU A 390 -5.31 -5.25 -4.77
CA LEU A 390 -5.34 -4.21 -3.75
C LEU A 390 -3.93 -3.89 -3.22
N LEU A 391 -3.20 -4.94 -2.86
CA LEU A 391 -1.85 -4.78 -2.31
C LEU A 391 -1.07 -6.03 -2.62
N ARG A 392 -0.25 -5.94 -3.67
CA ARG A 392 0.57 -7.05 -4.12
C ARG A 392 1.67 -7.30 -3.07
N GLY A 393 2.19 -8.51 -3.02
CA GLY A 393 3.25 -8.81 -2.08
C GLY A 393 3.68 -10.26 -2.07
N ILE A 394 4.64 -10.59 -1.22
CA ILE A 394 5.13 -11.96 -1.08
C ILE A 394 4.97 -12.32 0.40
N ASP A 395 4.21 -13.38 0.69
CA ASP A 395 3.96 -13.78 2.07
C ASP A 395 4.97 -14.78 2.64
N HIS A 396 5.74 -15.41 1.76
CA HIS A 396 6.74 -16.38 2.20
C HIS A 396 7.93 -16.31 1.26
N LEU A 397 9.09 -15.97 1.79
CA LEU A 397 10.29 -15.90 0.99
C LEU A 397 11.48 -16.48 1.75
N PRO A 398 11.80 -17.76 1.48
CA PRO A 398 12.93 -18.44 2.15
C PRO A 398 14.27 -18.02 1.56
N VAL A 399 15.17 -17.55 2.40
CA VAL A 399 16.50 -17.14 1.97
C VAL A 399 17.53 -17.94 2.75
N ARG A 400 18.74 -18.01 2.22
CA ARG A 400 19.83 -18.71 2.89
C ARG A 400 20.75 -17.58 3.29
N LEU A 401 21.05 -17.49 4.57
CA LEU A 401 21.89 -16.42 5.10
C LEU A 401 23.37 -16.50 4.78
N ASP A 402 23.95 -17.68 5.02
CA ASP A 402 25.38 -17.92 4.82
C ASP A 402 25.78 -18.23 3.38
N GLY A 403 24.80 -18.58 2.57
CA GLY A 403 25.06 -18.90 1.17
C GLY A 403 24.29 -20.14 0.74
CHA HEM B . -2.06 7.27 0.41
CHB HEM B . 1.04 4.09 -1.40
CHC HEM B . 3.18 3.87 2.93
CHD HEM B . -0.19 6.61 4.79
C1A HEM B . -1.34 6.48 -0.48
C2A HEM B . -1.67 6.33 -1.90
C3A HEM B . -0.84 5.40 -2.34
C4A HEM B . 0.05 5.02 -1.28
CMA HEM B . -0.89 4.74 -3.71
CAA HEM B . -2.71 7.09 -2.72
CBA HEM B . -4.07 6.44 -2.58
CGA HEM B . -5.15 7.01 -3.51
O1A HEM B . -4.81 7.75 -4.47
O2A HEM B . -6.33 6.69 -3.28
C1B HEM B . 1.94 3.77 -0.40
C2B HEM B . 3.12 2.90 -0.55
C3B HEM B . 3.72 2.90 0.69
C4B HEM B . 2.93 3.73 1.56
CMB HEM B . 3.55 2.19 -1.83
CAB HEM B . 4.92 2.34 1.14
CBB HEM B . 5.76 1.46 0.55
C1C HEM B . 2.48 4.62 3.82
C2C HEM B . 2.79 4.74 5.25
C3C HEM B . 1.79 5.51 5.79
C4C HEM B . 0.95 5.90 4.66
CMC HEM B . 4.11 4.21 5.89
CAC HEM B . 1.47 5.85 7.10
CBC HEM B . 2.30 5.91 8.17
C1D HEM B . -0.95 6.99 3.74
C2D HEM B . -2.14 7.82 3.91
C3D HEM B . -2.62 8.05 2.68
C4D HEM B . -1.78 7.35 1.75
CMD HEM B . -2.82 8.25 5.19
CAD HEM B . -3.82 8.87 2.31
CBD HEM B . -3.53 10.31 1.94
CGD HEM B . -4.75 11.05 1.36
O1D HEM B . -5.79 10.42 1.14
O2D HEM B . -4.65 12.27 1.14
NA HEM B . -0.25 5.71 -0.13
NB HEM B . 1.88 4.31 0.89
NC HEM B . 1.41 5.39 3.47
ND HEM B . -0.71 6.70 2.41
FE HEM B . 0.77 5.71 1.59
C1 DEB C . -6.04 -0.76 3.16
C2 DEB C . -4.80 -1.58 2.83
C3 DEB C . -3.61 -0.63 2.57
C4 DEB C . -3.83 0.28 1.37
C5 DEB C . -2.71 1.36 1.34
C6 DEB C . -2.74 2.64 0.47
C7 DEB C . -4.10 3.34 0.58
C8 DEB C . -4.67 3.73 1.96
C9 DEB C . -6.06 4.34 1.83
C10 DEB C . -7.20 3.50 1.22
C11 DEB C . -7.33 2.15 2.00
C12 DEB C . -8.34 1.12 1.44
C13 DEB C . -8.34 -0.14 2.34
C14 DEB C . -9.45 -1.10 1.91
C15 DEB C . -9.65 -2.27 2.85
O16 DEB C . -7.15 -0.80 2.25
O17 DEB C . -6.12 -0.10 4.20
C18 DEB C . -4.49 -2.54 3.98
O19 DEB C . -2.42 -1.40 2.37
C20 DEB C . -3.87 -0.51 0.06
O21 DEB C . -1.44 0.73 1.22
C22 DEB C . -2.42 2.32 -0.97
C23 DEB C . -3.74 4.67 2.71
O24 DEB C . -6.27 5.50 2.19
C25 DEB C . -8.51 4.27 1.21
O26 DEB C . -7.63 2.41 3.38
C27 DEB C . -8.00 0.75 0.00
#